data_2KAE
#
_entry.id   2KAE
#
_cell.length_a   1.000
_cell.length_b   1.000
_cell.length_c   1.000
_cell.angle_alpha   90.00
_cell.angle_beta   90.00
_cell.angle_gamma   90.00
#
_symmetry.space_group_name_H-M   'P 1'
#
loop_
_entity.id
_entity.type
_entity.pdbx_description
1 polymer 'GATA-type transcription factor'
2 polymer "5'-D(*DCP*DGP*DGP*DAP*DAP*DAP*DAP*DGP*DTP*DAP*DTP*DAP*DCP*DTP*DTP*DTP*DTP*DCP*DCP*DG)-3'"
3 non-polymer 'ZINC ION'
#
loop_
_entity_poly.entity_id
_entity_poly.type
_entity_poly.pdbx_seq_one_letter_code
_entity_poly.pdbx_strand_id
1 'polypeptide(L)' GSHMNKKSFQCSNCSVTETIRWRNIRSKEGIQCNACFIYQRKYNKTRPVTAVNKYQKRKLKVQETNGVDSF A
2 'polydeoxyribonucleotide' (DC)(DG)(DG)(DA)(DA)(DA)(DA)(DG)(DT)(DA)(DT)(DA)(DC)(DT)(DT)(DT)(DT)(DC)(DC)(DG) C,B
#
loop_
_chem_comp.id
_chem_comp.type
_chem_comp.name
_chem_comp.formula
DA DNA linking 2'-DEOXYADENOSINE-5'-MONOPHOSPHATE 'C10 H14 N5 O6 P'
DC DNA linking 2'-DEOXYCYTIDINE-5'-MONOPHOSPHATE 'C9 H14 N3 O7 P'
DG DNA linking 2'-DEOXYGUANOSINE-5'-MONOPHOSPHATE 'C10 H14 N5 O7 P'
DT DNA linking THYMIDINE-5'-MONOPHOSPHATE 'C10 H15 N2 O8 P'
ZN non-polymer 'ZINC ION' 'Zn 2'
#
# COMPACT_ATOMS: atom_id res chain seq x y z
N SER A 8 9.59 3.80 -16.65
CA SER A 8 8.72 2.70 -16.19
C SER A 8 9.55 1.45 -15.97
N PHE A 9 9.18 0.65 -14.98
CA PHE A 9 9.91 -0.57 -14.68
C PHE A 9 9.00 -1.78 -14.63
N GLN A 10 8.73 -2.26 -13.41
CA GLN A 10 7.90 -3.43 -13.18
C GLN A 10 7.95 -3.73 -11.69
N CYS A 11 6.96 -4.44 -11.17
CA CYS A 11 7.00 -4.78 -9.75
C CYS A 11 7.84 -6.03 -9.63
N SER A 12 8.13 -6.41 -8.43
CA SER A 12 8.92 -7.60 -8.20
C SER A 12 8.00 -8.69 -7.67
N ASN A 13 6.70 -8.54 -7.98
CA ASN A 13 5.67 -9.46 -7.49
C ASN A 13 4.42 -9.33 -8.37
N CYS A 14 4.07 -8.08 -8.73
CA CYS A 14 2.87 -7.79 -9.53
C CYS A 14 3.13 -7.78 -11.03
N SER A 15 3.80 -6.73 -11.48
CA SER A 15 4.13 -6.52 -12.89
C SER A 15 2.94 -5.91 -13.64
N VAL A 16 2.82 -4.59 -13.53
CA VAL A 16 1.77 -3.82 -14.19
C VAL A 16 2.28 -2.43 -14.53
N THR A 17 2.65 -2.26 -15.79
CA THR A 17 3.21 -1.01 -16.31
C THR A 17 2.38 0.22 -15.93
N GLU A 18 1.06 0.07 -15.88
CA GLU A 18 0.18 1.17 -15.53
C GLU A 18 -0.01 1.26 -14.01
N THR A 19 0.96 1.81 -13.33
CA THR A 19 0.90 1.95 -11.89
C THR A 19 0.44 3.34 -11.48
N ILE A 20 -0.78 3.39 -10.96
CA ILE A 20 -1.38 4.65 -10.48
C ILE A 20 -0.39 5.49 -9.65
N ARG A 21 0.49 4.81 -8.91
CA ARG A 21 1.54 5.46 -8.13
C ARG A 21 2.58 4.38 -7.87
N TRP A 22 3.81 4.60 -8.31
CA TRP A 22 4.88 3.62 -8.19
C TRP A 22 5.45 3.51 -6.76
N ARG A 23 6.47 2.66 -6.60
CA ARG A 23 7.08 2.43 -5.29
C ARG A 23 8.44 1.72 -5.44
N ASN A 24 8.98 1.75 -6.66
CA ASN A 24 10.27 1.11 -7.00
C ASN A 24 11.34 1.38 -5.94
N ILE A 25 11.37 2.61 -5.43
CA ILE A 25 12.32 3.08 -4.41
C ILE A 25 13.76 2.66 -4.71
N ARG A 26 14.43 3.46 -5.53
CA ARG A 26 15.83 3.26 -5.93
C ARG A 26 16.70 2.67 -4.81
N SER A 27 16.86 1.35 -4.84
CA SER A 27 17.69 0.64 -3.86
C SER A 27 18.22 -0.67 -4.47
N LYS A 28 17.38 -1.70 -4.53
CA LYS A 28 17.77 -3.00 -5.10
C LYS A 28 16.59 -3.64 -5.83
N GLU A 29 15.56 -4.01 -5.08
CA GLU A 29 14.36 -4.59 -5.69
C GLU A 29 13.54 -3.45 -6.28
N GLY A 30 12.49 -3.75 -7.00
CA GLY A 30 11.68 -2.69 -7.58
C GLY A 30 10.21 -2.96 -7.39
N ILE A 31 9.66 -2.48 -6.30
CA ILE A 31 8.25 -2.69 -6.03
C ILE A 31 7.44 -1.62 -6.74
N GLN A 32 7.35 -1.76 -8.04
CA GLN A 32 6.62 -0.82 -8.89
C GLN A 32 5.21 -0.54 -8.40
N CYS A 33 4.49 -1.57 -8.03
CA CYS A 33 3.12 -1.42 -7.59
C CYS A 33 3.00 -0.70 -6.27
N ASN A 34 1.76 -0.45 -5.92
CA ASN A 34 1.45 0.19 -4.66
C ASN A 34 0.72 -0.81 -3.77
N ALA A 35 0.39 -1.95 -4.36
CA ALA A 35 -0.34 -3.00 -3.66
C ALA A 35 0.56 -3.76 -2.68
N CYS A 36 1.72 -4.22 -3.14
CA CYS A 36 2.61 -5.01 -2.29
C CYS A 36 3.03 -4.28 -1.01
N PHE A 37 3.41 -3.02 -1.14
CA PHE A 37 3.87 -2.25 0.02
C PHE A 37 2.73 -1.86 0.98
N ILE A 38 1.71 -1.20 0.44
CA ILE A 38 0.60 -0.71 1.26
C ILE A 38 -0.31 -1.82 1.82
N TYR A 39 -0.57 -2.85 1.04
CA TYR A 39 -1.43 -3.94 1.51
C TYR A 39 -0.73 -4.73 2.61
N GLN A 40 0.60 -4.80 2.51
CA GLN A 40 1.41 -5.53 3.48
C GLN A 40 1.34 -4.94 4.89
N ARG A 41 0.80 -3.73 5.04
CA ARG A 41 0.69 -3.11 6.38
C ARG A 41 0.18 -4.09 7.43
N LYS A 42 -0.91 -4.78 7.16
CA LYS A 42 -1.46 -5.74 8.12
C LYS A 42 -0.80 -7.11 7.96
N TYR A 43 -0.41 -7.42 6.74
CA TYR A 43 0.19 -8.71 6.42
C TYR A 43 1.65 -8.82 6.82
N ASN A 44 2.21 -7.76 7.39
CA ASN A 44 3.61 -7.78 7.80
C ASN A 44 3.71 -7.52 9.29
N LYS A 45 2.87 -6.62 9.78
CA LYS A 45 2.86 -6.27 11.19
C LYS A 45 1.56 -5.56 11.56
N THR A 46 1.56 -4.91 12.71
CA THR A 46 0.40 -4.17 13.16
C THR A 46 0.24 -2.89 12.35
N ARG A 47 -0.70 -2.92 11.40
CA ARG A 47 -1.01 -1.77 10.57
C ARG A 47 -1.14 -0.49 11.39
N PRO A 48 -0.59 0.63 10.90
CA PRO A 48 -0.66 1.90 11.60
C PRO A 48 -2.08 2.32 11.88
N VAL A 49 -2.35 2.66 13.14
CA VAL A 49 -3.67 3.06 13.58
C VAL A 49 -4.08 4.42 12.97
N THR A 50 -3.13 5.09 12.32
CA THR A 50 -3.41 6.36 11.69
C THR A 50 -4.58 6.24 10.70
N ALA A 51 -4.49 5.27 9.78
CA ALA A 51 -5.56 5.05 8.81
C ALA A 51 -6.88 4.69 9.48
N VAL A 52 -6.80 4.06 10.66
CA VAL A 52 -7.98 3.68 11.41
C VAL A 52 -8.70 4.90 12.00
N ASN A 53 -7.91 5.83 12.56
CA ASN A 53 -8.47 7.06 13.13
C ASN A 53 -9.44 7.74 12.15
N LYS A 54 -9.07 7.83 10.89
CA LYS A 54 -9.96 8.43 9.90
C LYS A 54 -10.98 7.42 9.41
N TYR A 55 -10.65 6.13 9.53
CA TYR A 55 -11.57 5.05 9.14
C TYR A 55 -12.91 5.28 9.82
N GLN A 56 -12.82 5.69 11.08
CA GLN A 56 -13.97 6.02 11.94
C GLN A 56 -14.99 6.89 11.20
N LYS A 57 -14.51 7.65 10.23
CA LYS A 57 -15.37 8.54 9.45
C LYS A 57 -16.61 7.78 8.94
N ARG A 58 -16.45 6.49 8.69
CA ARG A 58 -17.57 5.66 8.22
C ARG A 58 -18.35 5.10 9.41
N LYS A 59 -17.62 4.57 10.39
CA LYS A 59 -18.18 3.97 11.60
C LYS A 59 -18.88 4.99 12.51
N LEU A 60 -18.71 6.27 12.24
CA LEU A 60 -19.29 7.30 13.10
C LEU A 60 -20.64 7.73 12.56
N LYS A 61 -20.93 7.35 11.33
CA LYS A 61 -22.19 7.70 10.71
C LYS A 61 -23.26 6.71 11.10
N VAL A 62 -22.96 5.43 10.89
CA VAL A 62 -23.87 4.36 11.24
C VAL A 62 -23.14 3.24 11.96
N GLN A 63 -23.82 2.63 12.91
CA GLN A 63 -23.25 1.53 13.68
C GLN A 63 -24.38 0.79 14.40
ZN ZN D . 3.51 -5.58 -6.27
N SER A 8 8.82 3.09 -17.71
CA SER A 8 8.18 2.16 -16.76
C SER A 8 9.05 0.92 -16.55
N PHE A 9 9.04 0.39 -15.32
CA PHE A 9 9.82 -0.79 -15.00
C PHE A 9 8.91 -2.01 -14.88
N GLN A 10 8.52 -2.34 -13.64
CA GLN A 10 7.67 -3.49 -13.34
C GLN A 10 7.74 -3.75 -11.84
N CYS A 11 6.78 -4.47 -11.27
CA CYS A 11 6.83 -4.77 -9.85
C CYS A 11 7.66 -6.03 -9.71
N SER A 12 8.09 -6.32 -8.53
CA SER A 12 8.87 -7.50 -8.30
C SER A 12 7.98 -8.57 -7.70
N ASN A 13 6.67 -8.46 -7.99
CA ASN A 13 5.68 -9.38 -7.43
C ASN A 13 4.42 -9.33 -8.31
N CYS A 14 4.04 -8.11 -8.71
CA CYS A 14 2.83 -7.87 -9.51
C CYS A 14 3.11 -7.85 -11.01
N SER A 15 3.68 -6.72 -11.47
CA SER A 15 4.01 -6.48 -12.87
C SER A 15 2.84 -5.81 -13.58
N VAL A 16 2.79 -4.49 -13.44
CA VAL A 16 1.75 -3.66 -14.03
C VAL A 16 2.37 -2.36 -14.54
N THR A 17 2.68 -2.36 -15.83
CA THR A 17 3.31 -1.22 -16.49
C THR A 17 2.55 0.09 -16.26
N GLU A 18 1.26 0.00 -15.97
CA GLU A 18 0.43 1.18 -15.72
C GLU A 18 0.16 1.35 -14.23
N THR A 19 1.10 1.92 -13.51
CA THR A 19 0.93 2.12 -12.08
C THR A 19 0.50 3.55 -11.75
N ILE A 20 -0.70 3.66 -11.18
CA ILE A 20 -1.27 4.96 -10.79
C ILE A 20 -0.38 5.66 -9.73
N ARG A 21 0.60 4.94 -9.21
CA ARG A 21 1.52 5.48 -8.21
C ARG A 21 2.60 4.43 -7.98
N TRP A 22 3.79 4.72 -8.45
CA TRP A 22 4.93 3.81 -8.33
C TRP A 22 5.51 3.84 -6.91
N ARG A 23 6.49 2.98 -6.65
CA ARG A 23 7.14 2.92 -5.33
C ARG A 23 8.41 2.04 -5.38
N ASN A 24 8.95 1.90 -6.60
CA ASN A 24 10.17 1.13 -6.86
C ASN A 24 11.26 1.41 -5.82
N ILE A 25 11.40 2.70 -5.47
CA ILE A 25 12.40 3.19 -4.52
C ILE A 25 13.74 2.46 -4.66
N ARG A 26 14.45 2.84 -5.73
CA ARG A 26 15.77 2.27 -6.09
C ARG A 26 16.62 1.84 -4.88
N SER A 27 16.48 0.58 -4.51
CA SER A 27 17.27 0.00 -3.41
C SER A 27 17.89 -1.31 -3.86
N LYS A 28 17.05 -2.33 -3.98
CA LYS A 28 17.48 -3.65 -4.41
C LYS A 28 16.54 -4.14 -5.49
N GLU A 29 15.29 -4.34 -5.11
CA GLU A 29 14.26 -4.77 -6.03
C GLU A 29 13.56 -3.53 -6.58
N GLY A 30 12.34 -3.69 -7.07
CA GLY A 30 11.60 -2.56 -7.59
C GLY A 30 10.12 -2.77 -7.44
N ILE A 31 9.55 -2.35 -6.31
CA ILE A 31 8.13 -2.51 -6.09
C ILE A 31 7.37 -1.41 -6.80
N GLN A 32 7.22 -1.61 -8.09
CA GLN A 32 6.54 -0.67 -8.95
C GLN A 32 5.11 -0.40 -8.50
N CYS A 33 4.42 -1.45 -8.11
CA CYS A 33 3.03 -1.35 -7.71
C CYS A 33 2.85 -0.62 -6.39
N ASN A 34 1.60 -0.42 -6.06
CA ASN A 34 1.22 0.25 -4.82
C ASN A 34 0.56 -0.76 -3.89
N ALA A 35 0.25 -1.92 -4.44
CA ALA A 35 -0.40 -2.97 -3.68
C ALA A 35 0.53 -3.65 -2.70
N CYS A 36 1.70 -4.07 -3.17
CA CYS A 36 2.66 -4.78 -2.33
C CYS A 36 3.11 -3.98 -1.12
N PHE A 37 3.49 -2.75 -1.35
CA PHE A 37 4.00 -1.91 -0.27
C PHE A 37 2.93 -1.46 0.73
N ILE A 38 1.72 -1.15 0.25
CA ILE A 38 0.68 -0.67 1.15
C ILE A 38 -0.19 -1.77 1.77
N TYR A 39 -0.46 -2.84 1.04
CA TYR A 39 -1.29 -3.93 1.57
C TYR A 39 -0.54 -4.67 2.68
N GLN A 40 0.78 -4.73 2.58
CA GLN A 40 1.61 -5.42 3.54
C GLN A 40 1.52 -4.84 4.96
N ARG A 41 0.93 -3.65 5.12
CA ARG A 41 0.82 -3.04 6.45
C ARG A 41 0.34 -4.03 7.52
N LYS A 42 -0.75 -4.73 7.28
CA LYS A 42 -1.24 -5.70 8.27
C LYS A 42 -0.58 -7.06 8.07
N TYR A 43 -0.17 -7.32 6.83
CA TYR A 43 0.44 -8.60 6.47
C TYR A 43 1.94 -8.66 6.80
N ASN A 44 2.41 -7.76 7.64
CA ASN A 44 3.81 -7.74 8.03
C ASN A 44 3.96 -7.32 9.47
N LYS A 45 3.12 -6.37 9.88
CA LYS A 45 3.16 -5.86 11.25
C LYS A 45 1.83 -5.23 11.64
N THR A 46 1.83 -4.56 12.78
CA THR A 46 0.64 -3.89 13.28
C THR A 46 0.29 -2.68 12.42
N ARG A 47 -0.81 -2.80 11.67
CA ARG A 47 -1.30 -1.72 10.82
C ARG A 47 -1.31 -0.37 11.56
N PRO A 48 -0.79 0.69 10.92
CA PRO A 48 -0.76 2.03 11.52
C PRO A 48 -2.18 2.47 11.94
N VAL A 49 -2.31 2.82 13.20
CA VAL A 49 -3.60 3.24 13.77
C VAL A 49 -4.12 4.49 13.08
N THR A 50 -3.22 5.27 12.50
CA THR A 50 -3.58 6.50 11.83
C THR A 50 -4.71 6.28 10.81
N ALA A 51 -4.55 5.34 9.89
CA ALA A 51 -5.58 5.04 8.89
C ALA A 51 -6.87 4.56 9.54
N VAL A 52 -6.77 3.87 10.67
CA VAL A 52 -7.93 3.37 11.38
C VAL A 52 -8.69 4.52 12.03
N ASN A 53 -7.97 5.43 12.67
CA ASN A 53 -8.58 6.60 13.29
C ASN A 53 -9.49 7.31 12.29
N LYS A 54 -9.09 7.31 11.03
CA LYS A 54 -9.89 7.93 9.99
C LYS A 54 -11.01 7.02 9.55
N TYR A 55 -10.85 5.71 9.76
CA TYR A 55 -11.88 4.73 9.42
C TYR A 55 -13.21 5.13 10.05
N GLN A 56 -13.10 5.73 11.24
CA GLN A 56 -14.25 6.26 11.99
C GLN A 56 -15.16 7.08 11.10
N LYS A 57 -14.58 7.65 10.05
CA LYS A 57 -15.36 8.44 9.09
C LYS A 57 -16.61 7.66 8.68
N ARG A 58 -16.42 6.37 8.41
CA ARG A 58 -17.51 5.49 8.02
C ARG A 58 -18.15 4.82 9.26
N LYS A 59 -17.33 4.54 10.26
CA LYS A 59 -17.75 3.88 11.48
C LYS A 59 -18.57 4.77 12.40
N LEU A 60 -18.64 6.06 12.09
CA LEU A 60 -19.34 7.03 12.93
C LEU A 60 -20.85 6.82 12.92
N LYS A 61 -21.30 5.73 12.29
CA LYS A 61 -22.71 5.38 12.24
C LYS A 61 -23.21 5.20 13.66
N VAL A 62 -22.42 4.47 14.42
CA VAL A 62 -22.72 4.18 15.81
C VAL A 62 -21.42 4.21 16.61
N GLN A 63 -21.27 5.24 17.43
CA GLN A 63 -20.07 5.41 18.23
C GLN A 63 -20.36 6.27 19.46
ZN ZN D . 3.42 -5.52 -6.30
N SER A 8 8.31 3.14 -17.60
CA SER A 8 7.53 2.06 -16.97
C SER A 8 8.35 0.76 -16.94
N PHE A 9 8.66 0.32 -15.75
CA PHE A 9 9.43 -0.89 -15.56
C PHE A 9 8.51 -2.07 -15.32
N GLN A 10 8.27 -2.41 -14.05
CA GLN A 10 7.44 -3.54 -13.67
C GLN A 10 7.63 -3.80 -12.18
N CYS A 11 6.73 -4.56 -11.57
CA CYS A 11 6.88 -4.87 -10.16
C CYS A 11 7.72 -6.13 -10.07
N SER A 12 8.19 -6.45 -8.90
CA SER A 12 8.98 -7.63 -8.72
C SER A 12 8.12 -8.69 -8.06
N ASN A 13 6.82 -8.63 -8.36
CA ASN A 13 5.82 -9.53 -7.80
C ASN A 13 4.55 -9.45 -8.67
N CYS A 14 4.12 -8.21 -8.95
CA CYS A 14 2.90 -7.94 -9.72
C CYS A 14 3.14 -7.87 -11.24
N SER A 15 3.63 -6.71 -11.68
CA SER A 15 3.88 -6.39 -13.08
C SER A 15 2.69 -5.68 -13.70
N VAL A 16 2.57 -4.40 -13.41
CA VAL A 16 1.50 -3.54 -13.92
C VAL A 16 2.12 -2.27 -14.49
N THR A 17 2.38 -2.29 -15.79
CA THR A 17 2.99 -1.18 -16.53
C THR A 17 2.49 0.19 -16.10
N GLU A 18 1.19 0.37 -16.03
CA GLU A 18 0.62 1.64 -15.62
C GLU A 18 0.20 1.59 -14.16
N THR A 19 1.10 1.98 -13.28
CA THR A 19 0.82 1.98 -11.86
C THR A 19 0.39 3.38 -11.39
N ILE A 20 -0.78 3.41 -10.77
CA ILE A 20 -1.37 4.64 -10.24
C ILE A 20 -0.45 5.37 -9.23
N ARG A 21 0.63 4.70 -8.83
CA ARG A 21 1.60 5.24 -7.89
C ARG A 21 2.66 4.18 -7.64
N TRP A 22 3.85 4.40 -8.19
CA TRP A 22 4.96 3.45 -8.10
C TRP A 22 5.62 3.50 -6.71
N ARG A 23 6.66 2.66 -6.51
CA ARG A 23 7.35 2.60 -5.21
C ARG A 23 8.69 1.82 -5.31
N ASN A 24 9.17 1.64 -6.55
CA ASN A 24 10.42 0.90 -6.84
C ASN A 24 11.54 1.22 -5.84
N ILE A 25 11.71 2.51 -5.55
CA ILE A 25 12.71 3.06 -4.62
C ILE A 25 14.12 2.48 -4.86
N ARG A 26 14.78 3.05 -5.85
CA ARG A 26 16.16 2.71 -6.25
C ARG A 26 17.01 2.18 -5.08
N SER A 27 17.08 0.86 -4.97
CA SER A 27 17.89 0.22 -3.93
C SER A 27 18.39 -1.16 -4.39
N LYS A 28 17.51 -2.14 -4.36
CA LYS A 28 17.84 -3.50 -4.76
C LYS A 28 16.82 -3.99 -5.78
N GLU A 29 15.61 -4.24 -5.33
CA GLU A 29 14.54 -4.70 -6.19
C GLU A 29 13.84 -3.48 -6.78
N GLY A 30 12.65 -3.69 -7.32
CA GLY A 30 11.91 -2.60 -7.90
C GLY A 30 10.43 -2.86 -7.85
N ILE A 31 9.81 -2.55 -6.72
CA ILE A 31 8.39 -2.77 -6.55
C ILE A 31 7.61 -1.65 -7.22
N GLN A 32 7.36 -1.83 -8.49
CA GLN A 32 6.61 -0.87 -9.28
C GLN A 32 5.21 -0.58 -8.75
N CYS A 33 4.52 -1.61 -8.29
CA CYS A 33 3.17 -1.45 -7.83
C CYS A 33 3.05 -0.72 -6.49
N ASN A 34 1.81 -0.58 -6.08
CA ASN A 34 1.48 0.05 -4.83
C ASN A 34 0.76 -0.94 -3.92
N ALA A 35 0.38 -2.07 -4.50
CA ALA A 35 -0.34 -3.09 -3.76
C ALA A 35 0.57 -3.81 -2.79
N CYS A 36 1.74 -4.25 -3.27
CA CYS A 36 2.69 -4.98 -2.44
C CYS A 36 3.01 -4.24 -1.16
N PHE A 37 3.28 -2.95 -1.26
CA PHE A 37 3.66 -2.17 -0.09
C PHE A 37 2.49 -1.89 0.86
N ILE A 38 1.42 -1.29 0.34
CA ILE A 38 0.29 -0.94 1.16
C ILE A 38 -0.42 -2.16 1.75
N TYR A 39 -0.56 -3.22 0.96
CA TYR A 39 -1.19 -4.44 1.45
C TYR A 39 -0.33 -5.09 2.52
N GLN A 40 0.99 -4.97 2.39
CA GLN A 40 1.91 -5.54 3.36
C GLN A 40 1.87 -4.75 4.67
N ARG A 41 1.41 -3.51 4.61
CA ARG A 41 1.31 -2.67 5.81
C ARG A 41 0.56 -3.42 6.92
N LYS A 42 -0.47 -4.16 6.54
CA LYS A 42 -1.24 -4.92 7.50
C LYS A 42 -0.61 -6.30 7.73
N TYR A 43 -0.10 -6.88 6.66
CA TYR A 43 0.48 -8.22 6.71
C TYR A 43 1.98 -8.23 7.06
N ASN A 44 2.44 -7.18 7.69
CA ASN A 44 3.84 -7.10 8.09
C ASN A 44 3.94 -6.66 9.53
N LYS A 45 3.06 -5.75 9.91
CA LYS A 45 3.04 -5.22 11.26
C LYS A 45 1.62 -4.89 11.66
N THR A 46 1.41 -4.67 12.95
CA THR A 46 0.09 -4.33 13.44
C THR A 46 -0.39 -3.02 12.82
N ARG A 47 -1.51 -3.10 12.11
CA ARG A 47 -2.11 -1.94 11.45
C ARG A 47 -2.19 -0.74 12.40
N PRO A 48 -1.47 0.34 12.09
CA PRO A 48 -1.48 1.55 12.90
C PRO A 48 -2.87 2.18 12.98
N VAL A 49 -3.15 2.78 14.11
CA VAL A 49 -4.44 3.43 14.36
C VAL A 49 -4.57 4.71 13.53
N THR A 50 -3.47 5.13 12.90
CA THR A 50 -3.48 6.34 12.07
C THR A 50 -4.61 6.29 11.05
N ALA A 51 -4.69 5.21 10.26
CA ALA A 51 -5.71 5.07 9.25
C ALA A 51 -7.05 4.71 9.88
N VAL A 52 -6.98 4.13 11.08
CA VAL A 52 -8.19 3.74 11.80
C VAL A 52 -8.95 4.99 12.27
N ASN A 53 -8.20 5.96 12.77
CA ASN A 53 -8.79 7.23 13.22
C ASN A 53 -9.71 7.82 12.14
N LYS A 54 -9.25 7.81 10.89
CA LYS A 54 -10.08 8.31 9.80
C LYS A 54 -11.05 7.23 9.33
N TYR A 55 -10.69 5.96 9.59
CA TYR A 55 -11.55 4.82 9.26
C TYR A 55 -12.92 5.06 9.91
N GLN A 56 -12.85 5.65 11.10
CA GLN A 56 -14.02 6.05 11.89
C GLN A 56 -15.02 6.84 11.05
N LYS A 57 -14.55 7.44 9.97
CA LYS A 57 -15.40 8.24 9.09
C LYS A 57 -16.72 7.52 8.77
N ARG A 58 -16.64 6.22 8.51
CA ARG A 58 -17.83 5.42 8.22
C ARG A 58 -18.39 4.76 9.51
N LYS A 59 -17.53 4.67 10.53
CA LYS A 59 -17.85 4.05 11.81
C LYS A 59 -18.38 5.04 12.86
N LEU A 60 -18.32 6.34 12.55
CA LEU A 60 -18.70 7.44 13.46
C LEU A 60 -20.12 7.34 14.04
N LYS A 61 -20.80 6.23 13.85
CA LYS A 61 -22.14 6.05 14.40
C LYS A 61 -22.09 6.02 15.92
N VAL A 62 -20.90 5.78 16.47
CA VAL A 62 -20.69 5.71 17.92
C VAL A 62 -20.94 7.06 18.62
N GLN A 63 -20.92 8.14 17.85
CA GLN A 63 -21.14 9.47 18.42
C GLN A 63 -22.62 9.72 18.68
ZN ZN D . 3.61 -5.60 -6.47
N SER A 8 7.79 2.79 -17.87
CA SER A 8 6.96 1.63 -17.46
C SER A 8 7.80 0.37 -17.30
N PHE A 9 8.28 0.13 -16.09
CA PHE A 9 9.09 -1.05 -15.79
C PHE A 9 8.19 -2.26 -15.49
N GLN A 10 8.00 -2.56 -14.20
CA GLN A 10 7.19 -3.69 -13.74
C GLN A 10 7.42 -3.87 -12.24
N CYS A 11 6.54 -4.58 -11.57
CA CYS A 11 6.73 -4.83 -10.15
C CYS A 11 7.59 -6.06 -10.03
N SER A 12 8.05 -6.33 -8.86
CA SER A 12 8.88 -7.49 -8.65
C SER A 12 8.04 -8.56 -7.98
N ASN A 13 6.72 -8.50 -8.27
CA ASN A 13 5.74 -9.39 -7.69
C ASN A 13 4.45 -9.28 -8.54
N CYS A 14 4.15 -8.06 -8.98
CA CYS A 14 2.95 -7.78 -9.79
C CYS A 14 3.25 -7.75 -11.30
N SER A 15 2.81 -6.67 -11.96
CA SER A 15 2.91 -6.48 -13.42
C SER A 15 1.90 -5.42 -13.89
N VAL A 16 2.14 -4.17 -13.52
CA VAL A 16 1.25 -3.06 -13.89
C VAL A 16 2.06 -1.90 -14.44
N THR A 17 2.48 -2.03 -15.69
CA THR A 17 3.26 -1.00 -16.39
C THR A 17 2.76 0.42 -16.12
N GLU A 18 1.44 0.58 -16.09
CA GLU A 18 0.85 1.88 -15.80
C GLU A 18 0.38 1.91 -14.36
N THR A 19 1.29 2.21 -13.45
CA THR A 19 0.98 2.24 -12.04
C THR A 19 0.47 3.59 -11.56
N ILE A 20 -0.64 3.54 -10.85
CA ILE A 20 -1.28 4.71 -10.26
C ILE A 20 -0.35 5.40 -9.24
N ARG A 21 0.76 4.74 -8.88
CA ARG A 21 1.72 5.27 -7.91
C ARG A 21 2.80 4.21 -7.68
N TRP A 22 3.99 4.48 -8.16
CA TRP A 22 5.10 3.54 -8.04
C TRP A 22 5.69 3.52 -6.63
N ARG A 23 6.64 2.62 -6.39
CA ARG A 23 7.26 2.48 -5.06
C ARG A 23 8.60 1.71 -5.15
N ASN A 24 9.06 1.47 -6.39
CA ASN A 24 10.31 0.74 -6.68
C ASN A 24 11.43 1.05 -5.68
N ILE A 25 11.64 2.34 -5.46
CA ILE A 25 12.67 2.87 -4.54
C ILE A 25 14.04 2.25 -4.84
N ARG A 26 14.63 2.76 -5.92
CA ARG A 26 15.97 2.35 -6.41
C ARG A 26 16.91 1.87 -5.28
N SER A 27 16.94 0.55 -5.09
CA SER A 27 17.78 -0.06 -4.07
C SER A 27 18.30 -1.43 -4.55
N LYS A 28 17.39 -2.38 -4.67
CA LYS A 28 17.73 -3.73 -5.14
C LYS A 28 16.63 -4.25 -6.05
N GLU A 29 15.42 -4.37 -5.51
CA GLU A 29 14.28 -4.83 -6.29
C GLU A 29 13.53 -3.62 -6.80
N GLY A 30 12.34 -3.83 -7.33
CA GLY A 30 11.56 -2.72 -7.84
C GLY A 30 10.08 -2.97 -7.72
N ILE A 31 9.49 -2.60 -6.59
CA ILE A 31 8.06 -2.79 -6.39
C ILE A 31 7.30 -1.66 -7.05
N GLN A 32 7.13 -1.80 -8.35
CA GLN A 32 6.43 -0.85 -9.16
C GLN A 32 5.04 -0.54 -8.63
N CYS A 33 4.36 -1.57 -8.16
CA CYS A 33 3.00 -1.41 -7.68
C CYS A 33 2.92 -0.70 -6.35
N ASN A 34 1.70 -0.59 -5.90
CA ASN A 34 1.39 0.01 -4.62
C ASN A 34 0.69 -1.01 -3.74
N ALA A 35 0.39 -2.16 -4.32
CA ALA A 35 -0.28 -3.22 -3.59
C ALA A 35 0.65 -3.94 -2.63
N CYS A 36 1.80 -4.35 -3.13
CA CYS A 36 2.78 -5.09 -2.34
C CYS A 36 3.25 -4.29 -1.13
N PHE A 37 3.50 -3.01 -1.34
CA PHE A 37 3.99 -2.16 -0.27
C PHE A 37 2.92 -1.81 0.77
N ILE A 38 1.80 -1.27 0.32
CA ILE A 38 0.74 -0.84 1.25
C ILE A 38 0.03 -2.01 1.94
N TYR A 39 -0.25 -3.08 1.21
CA TYR A 39 -0.91 -4.23 1.82
C TYR A 39 0.01 -4.83 2.88
N GLN A 40 1.31 -4.72 2.63
CA GLN A 40 2.34 -5.20 3.55
C GLN A 40 2.23 -4.51 4.90
N ARG A 41 1.64 -3.31 4.91
CA ARG A 41 1.43 -2.56 6.15
C ARG A 41 0.79 -3.43 7.23
N LYS A 42 -0.18 -4.25 6.83
CA LYS A 42 -0.84 -5.14 7.77
C LYS A 42 -0.06 -6.45 7.88
N TYR A 43 0.54 -6.86 6.78
CA TYR A 43 1.30 -8.11 6.73
C TYR A 43 2.73 -7.94 7.21
N ASN A 44 3.00 -6.86 7.93
CA ASN A 44 4.35 -6.60 8.43
C ASN A 44 4.29 -6.37 9.94
N LYS A 45 3.26 -5.67 10.34
CA LYS A 45 3.04 -5.35 11.75
C LYS A 45 1.57 -5.08 11.96
N THR A 46 1.21 -4.70 13.17
CA THR A 46 -0.17 -4.40 13.47
C THR A 46 -0.59 -3.12 12.75
N ARG A 47 -1.68 -3.23 11.98
CA ARG A 47 -2.22 -2.08 11.24
C ARG A 47 -2.27 -0.83 12.11
N PRO A 48 -1.46 0.20 11.75
CA PRO A 48 -1.40 1.47 12.48
C PRO A 48 -2.78 2.08 12.68
N VAL A 49 -2.97 2.68 13.86
CA VAL A 49 -4.25 3.30 14.21
C VAL A 49 -4.44 4.61 13.44
N THR A 50 -3.38 5.04 12.78
CA THR A 50 -3.41 6.28 12.00
C THR A 50 -4.55 6.24 10.98
N ALA A 51 -4.61 5.17 10.19
CA ALA A 51 -5.63 4.99 9.16
C ALA A 51 -6.98 4.66 9.79
N VAL A 52 -6.93 4.09 11.00
CA VAL A 52 -8.12 3.71 11.73
C VAL A 52 -8.91 4.93 12.21
N ASN A 53 -8.21 5.93 12.73
CA ASN A 53 -8.85 7.17 13.20
C ASN A 53 -9.81 7.74 12.17
N LYS A 54 -9.40 7.74 10.90
CA LYS A 54 -10.25 8.24 9.84
C LYS A 54 -11.25 7.20 9.39
N TYR A 55 -10.94 5.93 9.62
CA TYR A 55 -11.83 4.81 9.28
C TYR A 55 -13.21 5.08 9.85
N GLN A 56 -13.20 5.62 11.07
CA GLN A 56 -14.40 5.99 11.82
C GLN A 56 -15.35 6.83 10.96
N LYS A 57 -14.80 7.52 9.97
CA LYS A 57 -15.60 8.34 9.06
C LYS A 57 -16.79 7.51 8.53
N ARG A 58 -16.54 6.23 8.23
CA ARG A 58 -17.59 5.34 7.74
C ARG A 58 -18.27 4.61 8.91
N LYS A 59 -17.56 4.57 10.02
CA LYS A 59 -18.03 3.91 11.24
C LYS A 59 -18.99 4.78 12.04
N LEU A 60 -19.10 6.05 11.65
CA LEU A 60 -19.92 6.99 12.40
C LEU A 60 -21.39 6.91 12.01
N LYS A 61 -21.75 5.91 11.23
CA LYS A 61 -23.13 5.75 10.82
C LYS A 61 -23.97 5.29 12.01
N VAL A 62 -23.34 4.50 12.88
CA VAL A 62 -23.99 4.00 14.08
C VAL A 62 -23.02 4.02 15.24
N GLN A 63 -22.99 5.14 15.95
CA GLN A 63 -22.11 5.28 17.11
C GLN A 63 -22.84 5.98 18.25
ZN ZN D . 3.47 -5.57 -6.45
N SER A 8 8.10 3.29 -17.58
CA SER A 8 7.41 2.23 -16.82
C SER A 8 8.25 0.96 -16.76
N PHE A 9 8.74 0.63 -15.58
CA PHE A 9 9.55 -0.56 -15.38
C PHE A 9 8.63 -1.79 -15.22
N GLN A 10 8.38 -2.18 -13.97
CA GLN A 10 7.57 -3.34 -13.62
C GLN A 10 7.74 -3.65 -12.15
N CYS A 11 6.81 -4.37 -11.55
CA CYS A 11 6.96 -4.73 -10.14
C CYS A 11 7.69 -6.05 -10.15
N SER A 12 8.30 -6.42 -9.06
CA SER A 12 9.01 -7.67 -9.00
C SER A 12 8.09 -8.68 -8.33
N ASN A 13 6.78 -8.51 -8.55
CA ASN A 13 5.75 -9.33 -7.93
C ASN A 13 4.43 -9.19 -8.68
N CYS A 14 4.04 -7.95 -8.99
CA CYS A 14 2.76 -7.69 -9.65
C CYS A 14 2.84 -7.63 -11.18
N SER A 15 3.65 -6.68 -11.70
CA SER A 15 3.80 -6.46 -13.13
C SER A 15 2.60 -5.66 -13.66
N VAL A 16 2.58 -4.36 -13.37
CA VAL A 16 1.50 -3.47 -13.81
C VAL A 16 2.10 -2.19 -14.39
N THR A 17 2.28 -2.15 -15.69
CA THR A 17 2.84 -1.00 -16.39
C THR A 17 2.18 0.32 -15.97
N GLU A 18 0.87 0.31 -15.92
CA GLU A 18 0.10 1.49 -15.55
C GLU A 18 -0.09 1.56 -14.04
N THR A 19 0.96 1.89 -13.32
CA THR A 19 0.89 1.99 -11.90
C THR A 19 0.44 3.39 -11.46
N ILE A 20 -0.77 3.46 -10.90
CA ILE A 20 -1.34 4.72 -10.40
C ILE A 20 -0.43 5.41 -9.36
N ARG A 21 0.63 4.71 -8.93
CA ARG A 21 1.59 5.23 -7.94
C ARG A 21 2.68 4.19 -7.75
N TRP A 22 3.89 4.52 -8.21
CA TRP A 22 5.04 3.60 -8.13
C TRP A 22 5.70 3.60 -6.74
N ARG A 23 6.71 2.75 -6.55
CA ARG A 23 7.42 2.66 -5.26
C ARG A 23 8.73 1.84 -5.35
N ASN A 24 9.22 1.64 -6.58
CA ASN A 24 10.47 0.90 -6.86
C ASN A 24 11.57 1.19 -5.83
N ILE A 25 11.79 2.49 -5.57
CA ILE A 25 12.82 3.01 -4.64
C ILE A 25 14.17 2.32 -4.81
N ARG A 26 14.90 2.85 -5.81
CA ARG A 26 16.25 2.40 -6.18
C ARG A 26 17.03 1.79 -5.01
N SER A 27 16.99 0.46 -4.89
CA SER A 27 17.71 -0.22 -3.82
C SER A 27 18.23 -1.57 -4.27
N LYS A 28 17.31 -2.50 -4.44
CA LYS A 28 17.64 -3.84 -4.90
C LYS A 28 16.61 -4.29 -5.93
N GLU A 29 15.41 -4.60 -5.47
CA GLU A 29 14.33 -5.02 -6.34
C GLU A 29 13.65 -3.79 -6.94
N GLY A 30 12.52 -3.99 -7.59
CA GLY A 30 11.80 -2.89 -8.16
C GLY A 30 10.32 -3.05 -7.98
N ILE A 31 9.82 -2.67 -6.82
CA ILE A 31 8.41 -2.77 -6.54
C ILE A 31 7.65 -1.62 -7.18
N GLN A 32 7.40 -1.76 -8.46
CA GLN A 32 6.67 -0.76 -9.21
C GLN A 32 5.30 -0.45 -8.64
N CYS A 33 4.61 -1.50 -8.21
CA CYS A 33 3.25 -1.38 -7.73
C CYS A 33 3.16 -0.65 -6.40
N ASN A 34 1.93 -0.45 -5.99
CA ASN A 34 1.63 0.17 -4.72
C ASN A 34 0.90 -0.82 -3.82
N ALA A 35 0.52 -1.97 -4.39
CA ALA A 35 -0.20 -3.00 -3.65
C ALA A 35 0.71 -3.74 -2.68
N CYS A 36 1.88 -4.15 -3.18
CA CYS A 36 2.84 -4.90 -2.38
C CYS A 36 3.17 -4.20 -1.06
N PHE A 37 3.53 -2.93 -1.13
CA PHE A 37 3.90 -2.19 0.08
C PHE A 37 2.71 -1.85 0.97
N ILE A 38 1.71 -1.19 0.39
CA ILE A 38 0.54 -0.75 1.15
C ILE A 38 -0.20 -1.93 1.81
N TYR A 39 -0.41 -3.01 1.06
CA TYR A 39 -1.10 -4.19 1.59
C TYR A 39 -0.23 -4.86 2.65
N GLN A 40 1.09 -4.79 2.45
CA GLN A 40 2.05 -5.38 3.38
C GLN A 40 1.97 -4.70 4.75
N ARG A 41 1.47 -3.46 4.76
CA ARG A 41 1.31 -2.70 6.00
C ARG A 41 0.64 -3.53 7.10
N LYS A 42 -0.38 -4.30 6.76
CA LYS A 42 -1.05 -5.14 7.74
C LYS A 42 -0.38 -6.51 7.86
N TYR A 43 0.08 -7.02 6.72
CA TYR A 43 0.68 -8.34 6.63
C TYR A 43 2.13 -8.39 7.05
N ASN A 44 2.57 -7.41 7.81
CA ASN A 44 3.95 -7.37 8.24
C ASN A 44 4.04 -6.81 9.65
N LYS A 45 3.27 -5.75 9.90
CA LYS A 45 3.26 -5.09 11.19
C LYS A 45 1.84 -4.74 11.59
N THR A 46 1.65 -4.38 12.84
CA THR A 46 0.34 -4.01 13.35
C THR A 46 -0.12 -2.71 12.68
N ARG A 47 -1.23 -2.79 11.95
CA ARG A 47 -1.78 -1.62 11.28
C ARG A 47 -1.92 -0.42 12.22
N PRO A 48 -1.23 0.69 11.89
CA PRO A 48 -1.29 1.92 12.71
C PRO A 48 -2.72 2.43 12.89
N VAL A 49 -3.02 2.86 14.10
CA VAL A 49 -4.37 3.35 14.44
C VAL A 49 -4.70 4.64 13.68
N THR A 50 -3.71 5.24 13.03
CA THR A 50 -3.94 6.47 12.26
C THR A 50 -5.05 6.25 11.22
N ALA A 51 -4.92 5.20 10.39
CA ALA A 51 -5.92 4.88 9.37
C ALA A 51 -7.26 4.53 9.99
N VAL A 52 -7.22 3.95 11.19
CA VAL A 52 -8.43 3.58 11.91
C VAL A 52 -9.14 4.84 12.42
N ASN A 53 -8.36 5.77 12.95
CA ASN A 53 -8.90 7.05 13.42
C ASN A 53 -9.79 7.69 12.35
N LYS A 54 -9.32 7.66 11.11
CA LYS A 54 -10.09 8.21 10.01
C LYS A 54 -11.13 7.19 9.53
N TYR A 55 -10.88 5.91 9.80
CA TYR A 55 -11.82 4.83 9.44
C TYR A 55 -13.20 5.15 10.00
N GLN A 56 -13.18 5.72 11.20
CA GLN A 56 -14.38 6.17 11.91
C GLN A 56 -15.31 6.95 10.99
N LYS A 57 -14.74 7.56 9.98
CA LYS A 57 -15.51 8.34 9.00
C LYS A 57 -16.75 7.56 8.53
N ARG A 58 -16.57 6.26 8.25
CA ARG A 58 -17.69 5.42 7.82
C ARG A 58 -18.34 4.75 9.03
N LYS A 59 -17.50 4.41 10.00
CA LYS A 59 -17.91 3.74 11.22
C LYS A 59 -18.81 4.61 12.11
N LEU A 60 -18.87 5.90 11.82
CA LEU A 60 -19.64 6.82 12.65
C LEU A 60 -21.07 6.99 12.13
N LYS A 61 -21.32 6.52 10.90
CA LYS A 61 -22.65 6.64 10.31
C LYS A 61 -23.49 5.41 10.65
N VAL A 62 -23.34 4.36 9.86
CA VAL A 62 -24.08 3.12 10.07
C VAL A 62 -23.56 2.08 9.10
N GLN A 63 -23.56 0.81 9.51
CA GLN A 63 -23.06 -0.24 8.64
C GLN A 63 -24.06 -1.37 8.48
ZN ZN D . 3.74 -5.55 -6.39
N SER A 8 7.50 2.46 -18.32
CA SER A 8 6.96 1.62 -17.23
C SER A 8 7.79 0.35 -17.06
N PHE A 9 8.34 0.19 -15.87
CA PHE A 9 9.16 -0.98 -15.56
C PHE A 9 8.29 -2.22 -15.30
N GLN A 10 8.06 -2.56 -14.03
CA GLN A 10 7.26 -3.73 -13.63
C GLN A 10 7.45 -3.96 -12.14
N CYS A 11 6.54 -4.66 -11.49
CA CYS A 11 6.69 -4.96 -10.08
C CYS A 11 7.52 -6.22 -9.99
N SER A 12 8.06 -6.50 -8.84
CA SER A 12 8.84 -7.70 -8.68
C SER A 12 7.97 -8.76 -8.03
N ASN A 13 6.65 -8.63 -8.21
CA ASN A 13 5.66 -9.52 -7.61
C ASN A 13 4.35 -9.41 -8.40
N CYS A 14 3.92 -8.17 -8.64
CA CYS A 14 2.65 -7.91 -9.34
C CYS A 14 2.82 -7.82 -10.86
N SER A 15 3.24 -6.63 -11.33
CA SER A 15 3.46 -6.31 -12.74
C SER A 15 2.24 -5.58 -13.33
N VAL A 16 2.21 -4.27 -13.11
CA VAL A 16 1.13 -3.40 -13.58
C VAL A 16 1.76 -2.13 -14.16
N THR A 17 1.98 -2.17 -15.47
CA THR A 17 2.60 -1.09 -16.22
C THR A 17 2.03 0.30 -15.87
N GLU A 18 0.72 0.39 -15.75
CA GLU A 18 0.08 1.64 -15.39
C GLU A 18 -0.10 1.72 -13.88
N THR A 19 0.91 2.23 -13.19
CA THR A 19 0.84 2.35 -11.75
C THR A 19 0.50 3.78 -11.33
N ILE A 20 -0.62 3.89 -10.64
CA ILE A 20 -1.12 5.18 -10.12
C ILE A 20 -0.15 5.80 -9.09
N ARG A 21 0.88 5.05 -8.68
CA ARG A 21 1.90 5.49 -7.72
C ARG A 21 2.93 4.38 -7.54
N TRP A 22 4.13 4.61 -8.06
CA TRP A 22 5.20 3.60 -7.99
C TRP A 22 5.87 3.58 -6.62
N ARG A 23 6.81 2.67 -6.43
CA ARG A 23 7.50 2.53 -5.15
C ARG A 23 8.82 1.71 -5.33
N ASN A 24 9.25 1.62 -6.58
CA ASN A 24 10.48 0.88 -6.94
C ASN A 24 11.65 1.16 -6.01
N ILE A 25 11.79 2.43 -5.61
CA ILE A 25 12.84 2.93 -4.73
C ILE A 25 14.23 2.40 -5.12
N ARG A 26 14.81 3.04 -6.14
CA ARG A 26 16.14 2.70 -6.69
C ARG A 26 17.10 2.12 -5.63
N SER A 27 17.13 0.80 -5.51
CA SER A 27 18.01 0.13 -4.55
C SER A 27 18.45 -1.24 -5.03
N LYS A 28 17.59 -2.24 -4.88
CA LYS A 28 17.92 -3.59 -5.27
C LYS A 28 16.89 -4.11 -6.26
N GLU A 29 15.68 -4.40 -5.77
CA GLU A 29 14.61 -4.87 -6.62
C GLU A 29 13.87 -3.66 -7.16
N GLY A 30 12.63 -3.85 -7.60
CA GLY A 30 11.86 -2.75 -8.12
C GLY A 30 10.38 -2.98 -7.95
N ILE A 31 9.86 -2.65 -6.77
CA ILE A 31 8.45 -2.84 -6.51
C ILE A 31 7.65 -1.70 -7.11
N GLN A 32 7.37 -1.85 -8.38
CA GLN A 32 6.61 -0.87 -9.15
C GLN A 32 5.24 -0.57 -8.55
N CYS A 33 4.54 -1.61 -8.15
CA CYS A 33 3.20 -1.46 -7.63
C CYS A 33 3.15 -0.71 -6.32
N ASN A 34 1.93 -0.47 -5.92
CA ASN A 34 1.64 0.18 -4.67
C ASN A 34 0.97 -0.80 -3.75
N ALA A 35 0.51 -1.91 -4.32
CA ALA A 35 -0.18 -2.94 -3.56
C ALA A 35 0.74 -3.69 -2.60
N CYS A 36 1.91 -4.12 -3.10
CA CYS A 36 2.85 -4.87 -2.28
C CYS A 36 3.22 -4.12 -1.01
N PHE A 37 3.52 -2.85 -1.15
CA PHE A 37 3.95 -2.04 -0.01
C PHE A 37 2.81 -1.72 0.95
N ILE A 38 1.75 -1.12 0.43
CA ILE A 38 0.62 -0.71 1.27
C ILE A 38 -0.10 -1.90 1.91
N TYR A 39 -0.30 -2.98 1.15
CA TYR A 39 -0.99 -4.16 1.66
C TYR A 39 -0.14 -4.85 2.74
N GLN A 40 1.18 -4.78 2.58
CA GLN A 40 2.12 -5.40 3.52
C GLN A 40 2.03 -4.71 4.90
N ARG A 41 1.47 -3.50 4.91
CA ARG A 41 1.29 -2.74 6.15
C ARG A 41 0.66 -3.60 7.25
N LYS A 42 -0.37 -4.35 6.91
CA LYS A 42 -1.02 -5.22 7.89
C LYS A 42 -0.31 -6.57 7.95
N TYR A 43 0.25 -6.98 6.81
CA TYR A 43 0.93 -8.27 6.73
C TYR A 43 2.38 -8.20 7.19
N ASN A 44 2.73 -7.16 7.93
CA ASN A 44 4.09 -7.02 8.44
C ASN A 44 4.04 -6.77 9.94
N LYS A 45 3.03 -6.04 10.35
CA LYS A 45 2.83 -5.72 11.76
C LYS A 45 1.40 -5.24 11.96
N THR A 46 1.06 -4.84 13.18
CA THR A 46 -0.28 -4.38 13.45
C THR A 46 -0.54 -3.05 12.72
N ARG A 47 -1.60 -3.06 11.90
CA ARG A 47 -1.98 -1.89 11.12
C ARG A 47 -2.11 -0.62 11.98
N PRO A 48 -1.29 0.40 11.69
CA PRO A 48 -1.29 1.67 12.40
C PRO A 48 -2.68 2.24 12.64
N VAL A 49 -2.89 2.73 13.85
CA VAL A 49 -4.17 3.30 14.27
C VAL A 49 -4.53 4.55 13.48
N THR A 50 -3.55 5.15 12.79
CA THR A 50 -3.80 6.34 12.00
C THR A 50 -4.93 6.11 10.98
N ALA A 51 -4.77 5.08 10.14
CA ALA A 51 -5.81 4.73 9.16
C ALA A 51 -7.13 4.41 9.83
N VAL A 52 -7.07 3.84 11.02
CA VAL A 52 -8.26 3.48 11.79
C VAL A 52 -9.01 4.74 12.23
N ASN A 53 -8.29 5.70 12.79
CA ASN A 53 -8.88 6.96 13.25
C ASN A 53 -9.74 7.58 12.16
N LYS A 54 -9.29 7.47 10.92
CA LYS A 54 -10.06 8.01 9.81
C LYS A 54 -11.13 7.02 9.36
N TYR A 55 -10.91 5.73 9.64
CA TYR A 55 -11.89 4.69 9.29
C TYR A 55 -13.27 5.08 9.81
N GLN A 56 -13.25 5.70 10.99
CA GLN A 56 -14.44 6.21 11.67
C GLN A 56 -15.33 7.02 10.73
N LYS A 57 -14.72 7.55 9.70
CA LYS A 57 -15.46 8.32 8.69
C LYS A 57 -16.70 7.55 8.22
N ARG A 58 -16.53 6.24 7.96
CA ARG A 58 -17.62 5.36 7.51
C ARG A 58 -18.30 4.67 8.71
N LYS A 59 -17.61 4.72 9.85
CA LYS A 59 -18.05 4.09 11.11
C LYS A 59 -18.84 5.06 12.00
N LEU A 60 -18.92 6.33 11.60
CA LEU A 60 -19.56 7.40 12.38
C LEU A 60 -21.02 7.14 12.83
N LYS A 61 -21.48 5.89 12.79
CA LYS A 61 -22.84 5.57 13.21
C LYS A 61 -22.99 5.91 14.70
N VAL A 62 -21.94 5.67 15.47
CA VAL A 62 -21.94 5.94 16.89
C VAL A 62 -20.51 6.22 17.39
N GLN A 63 -20.29 7.43 17.87
CA GLN A 63 -18.98 7.83 18.39
C GLN A 63 -19.06 9.20 19.05
ZN ZN D . 3.64 -5.60 -6.20
N SER A 8 10.02 3.74 -16.76
CA SER A 8 9.13 2.76 -16.13
C SER A 8 9.84 1.42 -15.93
N PHE A 9 9.46 0.69 -14.89
CA PHE A 9 10.07 -0.60 -14.57
C PHE A 9 9.02 -1.71 -14.56
N GLN A 10 8.64 -2.13 -13.34
CA GLN A 10 7.68 -3.19 -13.11
C GLN A 10 7.72 -3.56 -11.63
N CYS A 11 6.73 -4.30 -11.14
CA CYS A 11 6.73 -4.68 -9.74
C CYS A 11 7.62 -5.89 -9.60
N SER A 12 7.92 -6.26 -8.39
CA SER A 12 8.73 -7.43 -8.15
C SER A 12 7.81 -8.57 -7.71
N ASN A 13 6.51 -8.43 -8.03
CA ASN A 13 5.49 -9.40 -7.63
C ASN A 13 4.31 -9.30 -8.61
N CYS A 14 3.94 -8.07 -8.93
CA CYS A 14 2.82 -7.77 -9.82
C CYS A 14 3.23 -7.66 -11.28
N SER A 15 3.79 -6.51 -11.63
CA SER A 15 4.26 -6.20 -12.98
C SER A 15 3.13 -5.61 -13.82
N VAL A 16 2.93 -4.29 -13.63
CA VAL A 16 1.91 -3.54 -14.33
C VAL A 16 2.49 -2.18 -14.74
N THR A 17 2.83 -2.07 -16.03
CA THR A 17 3.42 -0.86 -16.58
C THR A 17 2.58 0.39 -16.23
N GLU A 18 1.27 0.22 -16.12
CA GLU A 18 0.38 1.32 -15.77
C GLU A 18 0.12 1.35 -14.26
N THR A 19 1.06 1.89 -13.51
CA THR A 19 0.91 1.97 -12.07
C THR A 19 0.43 3.34 -11.62
N ILE A 20 -0.78 3.38 -11.09
CA ILE A 20 -1.40 4.61 -10.59
C ILE A 20 -0.48 5.37 -9.62
N ARG A 21 0.45 4.66 -8.98
CA ARG A 21 1.39 5.25 -8.04
C ARG A 21 2.47 4.21 -7.75
N TRP A 22 3.68 4.49 -8.19
CA TRP A 22 4.80 3.56 -8.03
C TRP A 22 5.36 3.58 -6.61
N ARG A 23 6.39 2.77 -6.36
CA ARG A 23 7.04 2.69 -5.06
C ARG A 23 8.30 1.81 -5.14
N ASN A 24 8.87 1.76 -6.36
CA ASN A 24 10.10 0.99 -6.64
C ASN A 24 11.14 1.13 -5.53
N ILE A 25 11.17 2.32 -4.92
CA ILE A 25 12.07 2.67 -3.82
C ILE A 25 13.51 2.22 -4.07
N ARG A 26 14.21 3.01 -4.87
CA ARG A 26 15.63 2.80 -5.22
C ARG A 26 16.43 2.17 -4.08
N SER A 27 16.48 0.84 -4.05
CA SER A 27 17.22 0.12 -3.01
C SER A 27 17.82 -1.16 -3.59
N LYS A 28 17.02 -2.21 -3.62
CA LYS A 28 17.46 -3.51 -4.12
C LYS A 28 16.43 -4.02 -5.13
N GLU A 29 15.23 -4.28 -4.64
CA GLU A 29 14.14 -4.75 -5.47
C GLU A 29 13.39 -3.54 -6.01
N GLY A 30 12.22 -3.75 -6.60
CA GLY A 30 11.48 -2.64 -7.13
C GLY A 30 10.00 -2.93 -7.13
N ILE A 31 9.34 -2.61 -6.02
CA ILE A 31 7.91 -2.82 -5.92
C ILE A 31 7.20 -1.64 -6.56
N GLN A 32 7.11 -1.72 -7.87
CA GLN A 32 6.47 -0.69 -8.66
C GLN A 32 5.03 -0.46 -8.24
N CYS A 33 4.31 -1.54 -7.96
CA CYS A 33 2.92 -1.42 -7.58
C CYS A 33 2.74 -0.79 -6.21
N ASN A 34 1.48 -0.56 -5.89
CA ASN A 34 1.12 0.02 -4.61
C ASN A 34 0.35 -0.99 -3.79
N ALA A 35 0.02 -2.10 -4.42
CA ALA A 35 -0.72 -3.15 -3.77
C ALA A 35 0.16 -3.91 -2.79
N CYS A 36 1.32 -4.35 -3.26
CA CYS A 36 2.25 -5.10 -2.43
C CYS A 36 2.71 -4.30 -1.22
N PHE A 37 3.07 -3.06 -1.45
CA PHE A 37 3.60 -2.23 -0.38
C PHE A 37 2.53 -1.78 0.63
N ILE A 38 1.37 -1.30 0.16
CA ILE A 38 0.36 -0.82 1.09
C ILE A 38 -0.49 -1.94 1.72
N TYR A 39 -0.77 -2.99 0.97
CA TYR A 39 -1.56 -4.09 1.52
C TYR A 39 -0.77 -4.84 2.59
N GLN A 40 0.55 -4.90 2.41
CA GLN A 40 1.46 -5.58 3.36
C GLN A 40 1.41 -4.93 4.74
N ARG A 41 0.82 -3.74 4.83
CA ARG A 41 0.71 -3.03 6.11
C ARG A 41 0.31 -3.94 7.26
N LYS A 42 -0.74 -4.72 7.10
CA LYS A 42 -1.18 -5.64 8.18
C LYS A 42 -0.49 -7.01 8.09
N TYR A 43 -0.14 -7.39 6.86
CA TYR A 43 0.46 -8.71 6.60
C TYR A 43 1.96 -8.79 6.88
N ASN A 44 2.62 -7.66 6.99
CA ASN A 44 4.05 -7.67 7.23
C ASN A 44 4.35 -7.32 8.66
N LYS A 45 3.70 -6.25 9.13
CA LYS A 45 3.88 -5.78 10.48
C LYS A 45 2.62 -5.09 10.99
N THR A 46 2.77 -4.37 12.07
CA THR A 46 1.68 -3.62 12.68
C THR A 46 1.32 -2.38 11.88
N ARG A 47 0.26 -2.47 11.07
CA ARG A 47 -0.20 -1.34 10.28
C ARG A 47 -0.49 -0.13 11.18
N PRO A 48 -0.09 1.07 10.75
CA PRO A 48 -0.31 2.29 11.51
C PRO A 48 -1.79 2.57 11.78
N VAL A 49 -2.13 2.75 13.05
CA VAL A 49 -3.51 3.02 13.46
C VAL A 49 -4.00 4.37 12.92
N THR A 50 -3.08 5.18 12.41
CA THR A 50 -3.42 6.49 11.87
C THR A 50 -4.57 6.40 10.86
N ALA A 51 -4.45 5.53 9.85
CA ALA A 51 -5.51 5.34 8.86
C ALA A 51 -6.82 4.91 9.50
N VAL A 52 -6.72 4.22 10.62
CA VAL A 52 -7.89 3.75 11.34
C VAL A 52 -8.67 4.94 11.94
N ASN A 53 -7.92 5.89 12.50
CA ASN A 53 -8.51 7.10 13.08
C ASN A 53 -9.51 7.76 12.13
N LYS A 54 -9.15 7.92 10.86
CA LYS A 54 -10.05 8.52 9.90
C LYS A 54 -11.04 7.48 9.38
N TYR A 55 -10.64 6.21 9.44
CA TYR A 55 -11.46 5.08 9.02
C TYR A 55 -12.83 5.16 9.70
N GLN A 56 -12.80 5.51 10.99
CA GLN A 56 -14.00 5.71 11.82
C GLN A 56 -15.05 6.57 11.12
N LYS A 57 -14.61 7.38 10.17
CA LYS A 57 -15.49 8.28 9.42
C LYS A 57 -16.77 7.54 8.96
N ARG A 58 -16.64 6.27 8.56
CA ARG A 58 -17.80 5.49 8.13
C ARG A 58 -18.44 4.76 9.32
N LYS A 59 -17.61 4.43 10.29
CA LYS A 59 -18.01 3.71 11.48
C LYS A 59 -18.72 4.61 12.51
N LEU A 60 -18.70 5.92 12.29
CA LEU A 60 -19.28 6.89 13.22
C LEU A 60 -20.80 6.82 13.30
N LYS A 61 -21.38 5.73 12.81
CA LYS A 61 -22.82 5.55 12.84
C LYS A 61 -23.33 5.53 14.28
N VAL A 62 -22.50 4.99 15.17
CA VAL A 62 -22.83 4.91 16.58
C VAL A 62 -21.56 5.03 17.42
N GLN A 63 -21.55 6.02 18.30
CA GLN A 63 -20.41 6.27 19.18
C GLN A 63 -20.85 7.10 20.37
ZN ZN D . 3.12 -5.66 -6.44
N SER A 8 8.41 2.93 -17.56
CA SER A 8 7.56 1.82 -17.08
C SER A 8 8.37 0.54 -16.94
N PHE A 9 8.68 0.19 -15.70
CA PHE A 9 9.45 -1.02 -15.42
C PHE A 9 8.50 -2.20 -15.17
N GLN A 10 8.20 -2.45 -13.89
CA GLN A 10 7.32 -3.55 -13.46
C GLN A 10 7.51 -3.77 -11.96
N CYS A 11 6.62 -4.55 -11.34
CA CYS A 11 6.74 -4.82 -9.92
C CYS A 11 7.57 -6.07 -9.79
N SER A 12 8.06 -6.30 -8.60
CA SER A 12 8.86 -7.47 -8.35
C SER A 12 7.97 -8.54 -7.74
N ASN A 13 6.65 -8.46 -8.01
CA ASN A 13 5.67 -9.38 -7.44
C ASN A 13 4.38 -9.34 -8.28
N CYS A 14 4.00 -8.12 -8.72
CA CYS A 14 2.77 -7.90 -9.50
C CYS A 14 3.00 -7.80 -11.00
N SER A 15 3.44 -6.62 -11.42
CA SER A 15 3.72 -6.28 -12.81
C SER A 15 2.50 -5.57 -13.42
N VAL A 16 2.45 -4.27 -13.20
CA VAL A 16 1.37 -3.39 -13.68
C VAL A 16 2.01 -2.16 -14.33
N THR A 17 2.35 -2.30 -15.60
CA THR A 17 3.00 -1.24 -16.39
C THR A 17 2.43 0.15 -16.12
N GLU A 18 1.11 0.30 -16.18
CA GLU A 18 0.49 1.58 -15.92
C GLU A 18 0.11 1.68 -14.44
N THR A 19 1.09 2.06 -13.61
CA THR A 19 0.86 2.15 -12.17
C THR A 19 0.42 3.53 -11.73
N ILE A 20 -0.70 3.55 -11.02
CA ILE A 20 -1.27 4.79 -10.49
C ILE A 20 -0.33 5.48 -9.48
N ARG A 21 0.69 4.77 -9.03
CA ARG A 21 1.66 5.29 -8.08
C ARG A 21 2.74 4.24 -7.85
N TRP A 22 3.94 4.55 -8.29
CA TRP A 22 5.07 3.63 -8.18
C TRP A 22 5.68 3.65 -6.79
N ARG A 23 6.63 2.74 -6.54
CA ARG A 23 7.27 2.63 -5.24
C ARG A 23 8.60 1.84 -5.33
N ASN A 24 9.07 1.65 -6.57
CA ASN A 24 10.33 0.92 -6.86
C ASN A 24 11.43 1.21 -5.84
N ILE A 25 11.56 2.50 -5.49
CA ILE A 25 12.55 3.01 -4.52
C ILE A 25 13.95 2.41 -4.76
N ARG A 26 14.58 2.93 -5.81
CA ARG A 26 15.93 2.52 -6.26
C ARG A 26 16.82 2.05 -5.11
N SER A 27 16.90 0.75 -4.95
CA SER A 27 17.72 0.13 -3.92
C SER A 27 18.27 -1.20 -4.44
N LYS A 28 17.41 -2.21 -4.48
CA LYS A 28 17.79 -3.54 -4.97
C LYS A 28 16.76 -4.01 -5.97
N GLU A 29 15.56 -4.29 -5.47
CA GLU A 29 14.46 -4.73 -6.29
C GLU A 29 13.72 -3.51 -6.82
N GLY A 30 12.50 -3.71 -7.31
CA GLY A 30 11.71 -2.61 -7.82
C GLY A 30 10.24 -2.88 -7.65
N ILE A 31 9.66 -2.37 -6.57
CA ILE A 31 8.25 -2.57 -6.30
C ILE A 31 7.43 -1.48 -6.98
N GLN A 32 7.19 -1.69 -8.25
CA GLN A 32 6.44 -0.74 -9.06
C GLN A 32 5.03 -0.50 -8.54
N CYS A 33 4.36 -1.58 -8.16
CA CYS A 33 3.00 -1.49 -7.68
C CYS A 33 2.87 -0.76 -6.36
N ASN A 34 1.63 -0.56 -5.99
CA ASN A 34 1.29 0.07 -4.74
C ASN A 34 0.61 -0.93 -3.82
N ALA A 35 0.30 -2.09 -4.38
CA ALA A 35 -0.37 -3.14 -3.63
C ALA A 35 0.56 -3.81 -2.64
N CYS A 36 1.73 -4.22 -3.12
CA CYS A 36 2.69 -4.90 -2.27
C CYS A 36 3.09 -4.05 -1.08
N PHE A 37 3.31 -2.78 -1.34
CA PHE A 37 3.76 -1.86 -0.30
C PHE A 37 2.68 -1.53 0.74
N ILE A 38 1.54 -1.02 0.29
CA ILE A 38 0.51 -0.60 1.24
C ILE A 38 -0.21 -1.77 1.90
N TYR A 39 -0.46 -2.84 1.16
CA TYR A 39 -1.15 -4.00 1.70
C TYR A 39 -0.29 -4.71 2.76
N GLN A 40 1.03 -4.63 2.58
CA GLN A 40 1.96 -5.28 3.50
C GLN A 40 1.94 -4.67 4.89
N ARG A 41 1.38 -3.46 5.04
CA ARG A 41 1.33 -2.81 6.36
C ARG A 41 0.80 -3.76 7.43
N LYS A 42 -0.27 -4.47 7.12
CA LYS A 42 -0.86 -5.39 8.08
C LYS A 42 -0.18 -6.76 8.01
N TYR A 43 0.34 -7.11 6.84
CA TYR A 43 0.99 -8.39 6.66
C TYR A 43 2.48 -8.33 7.03
N ASN A 44 2.86 -7.31 7.78
CA ASN A 44 4.24 -7.16 8.23
C ASN A 44 4.25 -6.79 9.69
N LYS A 45 3.31 -5.94 10.07
CA LYS A 45 3.21 -5.49 11.46
C LYS A 45 1.76 -5.19 11.80
N THR A 46 1.53 -4.78 13.04
CA THR A 46 0.18 -4.43 13.46
C THR A 46 -0.30 -3.24 12.68
N ARG A 47 -1.41 -3.42 11.97
CA ARG A 47 -2.00 -2.36 11.16
C ARG A 47 -1.99 -1.04 11.93
N PRO A 48 -1.45 0.01 11.29
CA PRO A 48 -1.33 1.34 11.91
C PRO A 48 -2.68 1.95 12.27
N VAL A 49 -2.73 2.49 13.47
CA VAL A 49 -3.93 3.12 14.00
C VAL A 49 -4.22 4.45 13.30
N THR A 50 -3.20 4.98 12.62
CA THR A 50 -3.33 6.23 11.89
C THR A 50 -4.53 6.19 10.94
N ALA A 51 -4.58 5.15 10.11
CA ALA A 51 -5.65 4.99 9.15
C ALA A 51 -6.96 4.57 9.81
N VAL A 52 -6.86 3.94 10.99
CA VAL A 52 -8.04 3.51 11.72
C VAL A 52 -8.79 4.74 12.24
N ASN A 53 -8.02 5.69 12.75
CA ASN A 53 -8.58 6.94 13.26
C ASN A 53 -9.53 7.58 12.26
N LYS A 54 -9.12 7.67 11.01
CA LYS A 54 -9.98 8.25 9.98
C LYS A 54 -10.95 7.20 9.46
N TYR A 55 -10.60 5.93 9.62
CA TYR A 55 -11.46 4.81 9.22
C TYR A 55 -12.87 5.00 9.78
N GLN A 56 -12.91 5.41 11.04
CA GLN A 56 -14.15 5.65 11.80
C GLN A 56 -15.12 6.53 11.00
N LYS A 57 -14.55 7.36 10.12
CA LYS A 57 -15.33 8.30 9.30
C LYS A 57 -16.53 7.61 8.63
N ARG A 58 -16.42 6.32 8.33
CA ARG A 58 -17.52 5.58 7.70
C ARG A 58 -18.63 5.25 8.72
N LYS A 59 -18.24 5.02 9.96
CA LYS A 59 -19.17 4.67 11.02
C LYS A 59 -19.70 5.93 11.70
N LEU A 60 -18.80 6.89 11.88
CA LEU A 60 -19.09 8.17 12.52
C LEU A 60 -20.42 8.76 12.06
N LYS A 61 -20.73 8.64 10.77
CA LYS A 61 -21.99 9.17 10.27
C LYS A 61 -23.17 8.33 10.75
N VAL A 62 -23.49 7.25 10.02
CA VAL A 62 -24.60 6.38 10.39
C VAL A 62 -24.33 4.95 9.93
N GLN A 63 -24.17 4.03 10.88
CA GLN A 63 -23.95 2.63 10.55
C GLN A 63 -25.27 1.96 10.16
ZN ZN D . 3.45 -5.62 -6.27
N SER A 8 8.34 2.00 -16.82
CA SER A 8 9.76 1.75 -16.47
C SER A 8 10.05 0.26 -16.36
N PHE A 9 9.35 -0.41 -15.44
CA PHE A 9 9.56 -1.84 -15.23
C PHE A 9 8.45 -2.40 -14.35
N GLN A 10 8.09 -3.67 -14.51
CA GLN A 10 7.05 -4.26 -13.69
C GLN A 10 7.46 -4.35 -12.23
N CYS A 11 6.57 -4.89 -11.40
CA CYS A 11 6.83 -5.04 -9.98
C CYS A 11 7.77 -6.23 -9.80
N SER A 12 8.08 -6.51 -8.58
CA SER A 12 8.94 -7.63 -8.27
C SER A 12 8.07 -8.70 -7.64
N ASN A 13 6.75 -8.57 -7.88
CA ASN A 13 5.75 -9.46 -7.32
C ASN A 13 4.49 -9.38 -8.19
N CYS A 14 4.15 -8.15 -8.61
CA CYS A 14 2.96 -7.89 -9.43
C CYS A 14 3.27 -7.89 -10.94
N SER A 15 2.79 -6.84 -11.65
CA SER A 15 2.95 -6.70 -13.10
C SER A 15 1.96 -5.66 -13.67
N VAL A 16 2.08 -4.40 -13.26
CA VAL A 16 1.17 -3.36 -13.75
C VAL A 16 1.96 -2.12 -14.19
N THR A 17 2.39 -2.16 -15.45
CA THR A 17 3.16 -1.07 -16.07
C THR A 17 2.57 0.32 -15.77
N GLU A 18 1.27 0.47 -15.92
CA GLU A 18 0.61 1.75 -15.64
C GLU A 18 0.28 1.82 -14.16
N THR A 19 1.26 2.17 -13.35
CA THR A 19 1.07 2.23 -11.92
C THR A 19 0.53 3.57 -11.44
N ILE A 20 -0.64 3.50 -10.81
CA ILE A 20 -1.32 4.65 -10.22
C ILE A 20 -0.41 5.43 -9.23
N ARG A 21 0.74 4.83 -8.89
CA ARG A 21 1.73 5.38 -7.98
C ARG A 21 2.80 4.31 -7.76
N TRP A 22 4.00 4.58 -8.25
CA TRP A 22 5.10 3.63 -8.18
C TRP A 22 5.65 3.48 -6.74
N ARG A 23 6.62 2.58 -6.56
CA ARG A 23 7.21 2.31 -5.24
C ARG A 23 8.56 1.58 -5.36
N ASN A 24 9.11 1.57 -6.57
CA ASN A 24 10.41 0.91 -6.86
C ASN A 24 11.46 1.17 -5.79
N ILE A 25 11.46 2.40 -5.28
CA ILE A 25 12.39 2.88 -4.24
C ILE A 25 13.84 2.47 -4.58
N ARG A 26 14.41 3.19 -5.55
CA ARG A 26 15.79 2.99 -6.04
C ARG A 26 16.74 2.42 -4.98
N SER A 27 16.85 1.09 -4.95
CA SER A 27 17.74 0.41 -4.01
C SER A 27 18.28 -0.88 -4.62
N LYS A 28 17.46 -1.92 -4.64
CA LYS A 28 17.85 -3.22 -5.18
C LYS A 28 16.79 -3.73 -6.15
N GLU A 29 15.62 -4.07 -5.60
CA GLU A 29 14.51 -4.56 -6.38
C GLU A 29 13.73 -3.38 -6.95
N GLY A 30 12.57 -3.64 -7.50
CA GLY A 30 11.74 -2.58 -8.04
C GLY A 30 10.28 -2.87 -7.77
N ILE A 31 9.79 -2.41 -6.62
CA ILE A 31 8.39 -2.62 -6.26
C ILE A 31 7.49 -1.62 -6.99
N GLN A 32 7.38 -1.85 -8.30
CA GLN A 32 6.59 -1.03 -9.21
C GLN A 32 5.22 -0.66 -8.64
N CYS A 33 4.51 -1.65 -8.16
CA CYS A 33 3.16 -1.46 -7.65
C CYS A 33 3.11 -0.70 -6.34
N ASN A 34 1.88 -0.49 -5.92
CA ASN A 34 1.61 0.16 -4.65
C ASN A 34 0.91 -0.80 -3.70
N ALA A 35 0.52 -1.95 -4.24
CA ALA A 35 -0.18 -2.96 -3.46
C ALA A 35 0.75 -3.69 -2.50
N CYS A 36 1.90 -4.15 -3.00
CA CYS A 36 2.85 -4.89 -2.19
C CYS A 36 3.25 -4.17 -0.90
N PHE A 37 3.63 -2.92 -1.05
CA PHE A 37 4.10 -2.16 0.12
C PHE A 37 2.97 -1.73 1.06
N ILE A 38 1.88 -1.21 0.51
CA ILE A 38 0.78 -0.72 1.33
C ILE A 38 -0.09 -1.83 1.92
N TYR A 39 -0.34 -2.88 1.16
CA TYR A 39 -1.18 -3.98 1.66
C TYR A 39 -0.44 -4.74 2.77
N GLN A 40 0.89 -4.79 2.67
CA GLN A 40 1.73 -5.47 3.64
C GLN A 40 1.60 -4.88 5.05
N ARG A 41 1.01 -3.69 5.16
CA ARG A 41 0.85 -3.04 6.47
C ARG A 41 0.31 -4.00 7.52
N LYS A 42 -0.76 -4.72 7.21
CA LYS A 42 -1.32 -5.67 8.16
C LYS A 42 -0.68 -7.04 8.00
N TYR A 43 -0.27 -7.37 6.78
CA TYR A 43 0.30 -8.69 6.50
C TYR A 43 1.77 -8.81 6.90
N ASN A 44 2.32 -7.79 7.53
CA ASN A 44 3.71 -7.83 7.94
C ASN A 44 3.85 -7.33 9.37
N LYS A 45 3.04 -6.36 9.73
CA LYS A 45 3.09 -5.80 11.08
C LYS A 45 1.74 -5.28 11.54
N THR A 46 1.73 -4.64 12.70
CA THR A 46 0.55 -4.03 13.25
C THR A 46 0.18 -2.80 12.45
N ARG A 47 -0.84 -2.92 11.62
CA ARG A 47 -1.33 -1.83 10.77
C ARG A 47 -1.40 -0.49 11.52
N PRO A 48 -0.93 0.59 10.86
CA PRO A 48 -0.94 1.93 11.44
C PRO A 48 -2.35 2.35 11.84
N VAL A 49 -2.50 2.71 13.10
CA VAL A 49 -3.79 3.14 13.63
C VAL A 49 -4.27 4.45 12.98
N THR A 50 -3.34 5.18 12.37
CA THR A 50 -3.65 6.44 11.71
C THR A 50 -4.83 6.29 10.74
N ALA A 51 -4.74 5.32 9.84
CA ALA A 51 -5.81 5.08 8.86
C ALA A 51 -7.12 4.66 9.53
N VAL A 52 -7.01 4.02 10.68
CA VAL A 52 -8.18 3.58 11.44
C VAL A 52 -8.90 4.78 12.04
N ASN A 53 -8.14 5.71 12.63
CA ASN A 53 -8.72 6.91 13.21
C ASN A 53 -9.63 7.62 12.21
N LYS A 54 -9.25 7.58 10.94
CA LYS A 54 -10.07 8.18 9.90
C LYS A 54 -11.19 7.23 9.48
N TYR A 55 -10.99 5.94 9.71
CA TYR A 55 -11.99 4.92 9.39
C TYR A 55 -13.32 5.31 10.05
N GLN A 56 -13.21 5.90 11.22
CA GLN A 56 -14.35 6.40 12.00
C GLN A 56 -15.31 7.18 11.13
N LYS A 57 -14.78 7.78 10.07
CA LYS A 57 -15.60 8.53 9.12
C LYS A 57 -16.81 7.69 8.68
N ARG A 58 -16.56 6.41 8.38
CA ARG A 58 -17.63 5.50 7.97
C ARG A 58 -18.23 4.81 9.20
N LYS A 59 -17.37 4.58 10.19
CA LYS A 59 -17.76 3.93 11.45
C LYS A 59 -18.71 4.81 12.27
N LEU A 60 -18.90 6.06 11.83
CA LEU A 60 -19.74 7.02 12.55
C LEU A 60 -21.16 6.50 12.80
N LYS A 61 -21.48 5.35 12.19
CA LYS A 61 -22.79 4.74 12.34
C LYS A 61 -23.07 4.41 13.81
N VAL A 62 -22.00 4.17 14.56
CA VAL A 62 -22.06 3.85 15.99
C VAL A 62 -22.95 4.85 16.77
N GLN A 63 -23.38 4.44 17.95
CA GLN A 63 -24.25 5.27 18.78
C GLN A 63 -23.42 5.93 19.89
ZN ZN D . 3.60 -5.57 -6.21
N SER A 8 8.92 3.21 -17.68
CA SER A 8 8.19 2.33 -16.76
C SER A 8 8.92 0.99 -16.63
N PHE A 9 9.16 0.57 -15.39
CA PHE A 9 9.84 -0.69 -15.12
C PHE A 9 8.84 -1.85 -15.01
N GLN A 10 8.47 -2.21 -13.78
CA GLN A 10 7.55 -3.32 -13.50
C GLN A 10 7.65 -3.65 -12.01
N CYS A 11 6.71 -4.41 -11.47
CA CYS A 11 6.79 -4.77 -10.06
C CYS A 11 7.63 -6.02 -9.96
N SER A 12 8.05 -6.36 -8.77
CA SER A 12 8.85 -7.54 -8.57
C SER A 12 7.94 -8.61 -7.98
N ASN A 13 6.64 -8.49 -8.26
CA ASN A 13 5.63 -9.39 -7.71
C ASN A 13 4.36 -9.33 -8.58
N CYS A 14 3.96 -8.10 -8.93
CA CYS A 14 2.74 -7.85 -9.70
C CYS A 14 2.98 -7.75 -11.20
N SER A 15 3.48 -6.59 -11.62
CA SER A 15 3.78 -6.25 -13.01
C SER A 15 2.59 -5.53 -13.63
N VAL A 16 2.53 -4.23 -13.39
CA VAL A 16 1.46 -3.37 -13.89
C VAL A 16 2.07 -2.09 -14.46
N THR A 17 2.36 -2.11 -15.75
CA THR A 17 2.96 -0.98 -16.44
C THR A 17 2.25 0.34 -16.09
N GLU A 18 0.93 0.31 -16.00
CA GLU A 18 0.18 1.51 -15.65
C GLU A 18 -0.01 1.58 -14.14
N THR A 19 1.03 1.98 -13.44
CA THR A 19 0.99 2.09 -12.00
C THR A 19 0.60 3.49 -11.55
N ILE A 20 -0.59 3.59 -10.96
CA ILE A 20 -1.12 4.86 -10.44
C ILE A 20 -0.18 5.53 -9.42
N ARG A 21 0.84 4.81 -8.95
CA ARG A 21 1.81 5.31 -7.98
C ARG A 21 2.86 4.24 -7.77
N TRP A 22 4.07 4.51 -8.22
CA TRP A 22 5.17 3.56 -8.14
C TRP A 22 5.79 3.51 -6.74
N ARG A 23 6.76 2.61 -6.55
CA ARG A 23 7.41 2.45 -5.24
C ARG A 23 8.72 1.65 -5.36
N ASN A 24 9.21 1.54 -6.62
CA ASN A 24 10.46 0.81 -6.96
C ASN A 24 11.58 1.09 -5.96
N ILE A 25 11.70 2.36 -5.59
CA ILE A 25 12.71 2.85 -4.64
C ILE A 25 14.10 2.30 -4.95
N ARG A 26 14.74 2.91 -5.96
CA ARG A 26 16.09 2.56 -6.42
C ARG A 26 16.97 2.00 -5.30
N SER A 27 17.04 0.69 -5.22
CA SER A 27 17.84 0.02 -4.22
C SER A 27 18.42 -1.28 -4.74
N LYS A 28 17.60 -2.33 -4.70
CA LYS A 28 17.98 -3.66 -5.17
C LYS A 28 16.83 -4.21 -5.99
N GLU A 29 15.66 -4.26 -5.36
CA GLU A 29 14.46 -4.73 -6.04
C GLU A 29 13.78 -3.53 -6.65
N GLY A 30 12.60 -3.72 -7.19
CA GLY A 30 11.89 -2.62 -7.78
C GLY A 30 10.41 -2.90 -7.78
N ILE A 31 9.79 -2.71 -6.63
CA ILE A 31 8.37 -2.94 -6.51
C ILE A 31 7.58 -1.75 -7.04
N GLN A 32 7.35 -1.80 -8.34
CA GLN A 32 6.60 -0.77 -9.06
C GLN A 32 5.20 -0.51 -8.50
N CYS A 33 4.49 -1.58 -8.18
CA CYS A 33 3.13 -1.47 -7.71
C CYS A 33 3.04 -0.79 -6.36
N ASN A 34 1.80 -0.54 -5.96
CA ASN A 34 1.51 0.07 -4.69
C ASN A 34 0.79 -0.92 -3.79
N ALA A 35 0.41 -2.05 -4.38
CA ALA A 35 -0.32 -3.07 -3.64
C ALA A 35 0.58 -3.82 -2.68
N CYS A 36 1.74 -4.27 -3.16
CA CYS A 36 2.69 -5.03 -2.35
C CYS A 36 3.10 -4.29 -1.08
N PHE A 37 3.45 -3.03 -1.22
CA PHE A 37 3.90 -2.24 -0.09
C PHE A 37 2.76 -1.87 0.86
N ILE A 38 1.72 -1.25 0.32
CA ILE A 38 0.61 -0.79 1.15
C ILE A 38 -0.14 -1.93 1.84
N TYR A 39 -0.43 -3.00 1.13
CA TYR A 39 -1.15 -4.13 1.72
C TYR A 39 -0.30 -4.82 2.77
N GLN A 40 1.01 -4.82 2.56
CA GLN A 40 1.93 -5.44 3.49
C GLN A 40 1.87 -4.76 4.85
N ARG A 41 1.40 -3.52 4.88
CA ARG A 41 1.25 -2.76 6.11
C ARG A 41 0.58 -3.60 7.20
N LYS A 42 -0.48 -4.31 6.83
CA LYS A 42 -1.19 -5.15 7.78
C LYS A 42 -0.55 -6.54 7.84
N TYR A 43 0.00 -6.98 6.72
CA TYR A 43 0.60 -8.30 6.63
C TYR A 43 2.07 -8.30 7.02
N ASN A 44 2.49 -7.28 7.75
CA ASN A 44 3.88 -7.16 8.19
C ASN A 44 3.90 -6.79 9.65
N LYS A 45 3.01 -5.89 10.03
CA LYS A 45 2.90 -5.44 11.39
C LYS A 45 1.50 -4.94 11.66
N THR A 46 1.27 -4.46 12.86
CA THR A 46 -0.03 -3.94 13.22
C THR A 46 -0.30 -2.62 12.51
N ARG A 47 -1.36 -2.61 11.70
CA ARG A 47 -1.76 -1.43 10.96
C ARG A 47 -1.90 -0.22 11.89
N PRO A 48 -1.20 0.88 11.57
CA PRO A 48 -1.23 2.11 12.37
C PRO A 48 -2.64 2.58 12.70
N VAL A 49 -2.81 3.01 13.94
CA VAL A 49 -4.08 3.51 14.45
C VAL A 49 -4.55 4.74 13.68
N THR A 50 -3.62 5.41 12.98
CA THR A 50 -3.99 6.60 12.22
C THR A 50 -5.07 6.26 11.19
N ALA A 51 -4.81 5.24 10.38
CA ALA A 51 -5.77 4.79 9.38
C ALA A 51 -7.09 4.38 10.04
N VAL A 52 -7.01 3.80 11.21
CA VAL A 52 -8.21 3.40 11.95
C VAL A 52 -8.97 4.63 12.42
N ASN A 53 -8.23 5.58 12.96
CA ASN A 53 -8.82 6.86 13.41
C ASN A 53 -9.71 7.45 12.32
N LYS A 54 -9.25 7.39 11.08
CA LYS A 54 -10.03 7.90 9.97
C LYS A 54 -11.07 6.87 9.52
N TYR A 55 -10.82 5.60 9.80
CA TYR A 55 -11.76 4.53 9.47
C TYR A 55 -13.14 4.90 10.01
N GLN A 56 -13.10 5.49 11.20
CA GLN A 56 -14.28 6.00 11.91
C GLN A 56 -15.18 6.83 10.97
N LYS A 57 -14.59 7.38 9.93
CA LYS A 57 -15.35 8.19 8.96
C LYS A 57 -16.61 7.44 8.47
N ARG A 58 -16.48 6.13 8.27
CA ARG A 58 -17.59 5.30 7.82
C ARG A 58 -18.36 4.70 9.01
N LYS A 59 -17.69 4.73 10.15
CA LYS A 59 -18.19 4.22 11.43
C LYS A 59 -18.87 5.29 12.28
N LEU A 60 -18.85 6.55 11.78
CA LEU A 60 -19.38 7.78 12.43
C LEU A 60 -20.76 7.68 13.15
N LYS A 61 -21.19 6.48 13.55
CA LYS A 61 -22.44 6.26 14.27
C LYS A 61 -22.38 6.88 15.68
N VAL A 62 -21.51 7.87 15.83
CA VAL A 62 -21.30 8.53 17.09
C VAL A 62 -22.48 9.47 17.40
N GLN A 63 -22.28 10.36 18.36
CA GLN A 63 -23.33 11.29 18.76
C GLN A 63 -22.74 12.66 19.03
ZN ZN D . 3.49 -5.59 -6.38
#